data_4XEB
#
_entry.id   4XEB
#
_cell.length_a   70.972
_cell.length_b   61.836
_cell.length_c   85.849
_cell.angle_alpha   90.00
_cell.angle_beta   98.77
_cell.angle_gamma   90.00
#
_symmetry.space_group_name_H-M   'C 1 2 1'
#
loop_
_entity.id
_entity.type
_entity.pdbx_description
1 polymer Glucanase
2 branched beta-D-glucopyranose-(1-4)-beta-D-glucopyranose
3 branched beta-D-glucopyranose-(1-4)-beta-D-glucopyranose-(1-4)-beta-D-glucopyranose-(1-4)-beta-D-glucopyranose-(1-4)-beta-D-glucopyranose-(1-4)-beta-D-glucopyranose
4 non-polymer 2-acetamido-2-deoxy-beta-D-glucopyranose
5 non-polymer 'POTASSIUM ION'
6 non-polymer 'SODIUM ION'
7 non-polymer 'CHLORIDE ION'
8 water water
#
_entity_poly.entity_id   1
_entity_poly.type   'polypeptide(L)'
_entity_poly.pdbx_seq_one_letter_code
;(PCA)QIGTYTAETHPSLSWSTCKSGGSCTTNSGAITLDANWRWVHGVNTSTNCYTGNTWNSAICDTDASCAQDCALDGA
DYSGTYGITTSGNSLRLNFVTGSNVGSRTYLMADNTHYQIFDLLNQEFTFTVDVSHLPCGLNGALYFVTMDADGGVSKYP
NNKAGAQYGVGYCDSQCPRDLKFIAGQANVEGWTPSANNANTGIGNHGACCAELDIWEANSISEALTPHPCDTPGLSVCT
TDACGGTYSSDRYAGTCDPDGCDFNPYRLGVTDFYGSGKTVDTTKPFTVVTQFVTNDGTSTGSLSEIRRYYVQNGVVIPQ
PSSKISGISGNVINSDYCAAEISTFGGTASFSKHGGLTNMAAGMEAGMVLVMSLWDDYAVNMLWLDSTYPTNATGTPGAA
RGTCATTSGDPKTVESQSGSSYVTFSDIRVGPFNSTFSGG
;
_entity_poly.pdbx_strand_id   A
#
# COMPACT_ATOMS: atom_id res chain seq x y z
N GLN A 2 -12.32 18.07 9.76
CA GLN A 2 -13.73 18.30 9.55
C GLN A 2 -14.17 17.96 8.14
N ILE A 3 -15.49 18.05 7.97
CA ILE A 3 -16.18 17.74 6.70
C ILE A 3 -16.49 19.04 5.98
N GLY A 4 -15.94 19.21 4.79
CA GLY A 4 -16.19 20.42 4.01
C GLY A 4 -17.46 20.32 3.20
N THR A 5 -17.93 21.49 2.78
CA THR A 5 -19.24 21.66 2.17
C THR A 5 -19.20 22.11 0.68
N TYR A 6 -18.04 22.42 0.11
CA TYR A 6 -17.99 23.03 -1.20
C TYR A 6 -18.25 22.06 -2.36
N THR A 7 -17.88 20.78 -2.19
CA THR A 7 -17.95 19.75 -3.25
C THR A 7 -18.46 18.48 -2.61
N ALA A 8 -19.62 17.99 -3.08
CA ALA A 8 -20.18 16.76 -2.58
C ALA A 8 -19.15 15.63 -2.78
N GLU A 9 -19.05 14.77 -1.78
CA GLU A 9 -18.18 13.58 -1.84
C GLU A 9 -19.04 12.39 -2.28
N THR A 10 -18.72 11.85 -3.45
CA THR A 10 -19.43 10.71 -4.05
C THR A 10 -18.40 9.65 -4.49
N HIS A 11 -18.34 8.57 -3.71
CA HIS A 11 -17.37 7.47 -3.91
C HIS A 11 -17.75 6.76 -5.18
N PRO A 12 -16.78 6.63 -6.10
CA PRO A 12 -17.06 5.88 -7.29
C PRO A 12 -17.37 4.42 -6.92
N SER A 13 -18.32 3.85 -7.67
N SER A 13 -18.40 3.84 -7.54
CA SER A 13 -18.83 2.49 -7.46
CA SER A 13 -18.81 2.50 -7.18
C SER A 13 -17.80 1.44 -7.83
C SER A 13 -17.87 1.45 -7.79
N LEU A 14 -17.71 0.35 -7.08
CA LEU A 14 -16.81 -0.75 -7.44
C LEU A 14 -17.42 -2.00 -6.86
N SER A 15 -17.76 -2.95 -7.69
CA SER A 15 -18.26 -4.22 -7.14
C SER A 15 -17.08 -5.17 -6.83
N TRP A 16 -17.37 -6.11 -5.97
CA TRP A 16 -16.47 -7.22 -5.62
C TRP A 16 -17.27 -8.41 -5.13
N SER A 17 -16.62 -9.55 -4.97
CA SER A 17 -17.35 -10.83 -4.76
C SER A 17 -16.95 -11.52 -3.46
N THR A 18 -17.93 -12.13 -2.83
CA THR A 18 -17.69 -13.07 -1.74
C THR A 18 -18.09 -14.45 -2.26
N CYS A 19 -17.19 -15.42 -2.05
CA CYS A 19 -17.35 -16.73 -2.61
C CYS A 19 -17.57 -17.75 -1.51
N LYS A 20 -18.32 -18.80 -1.83
CA LYS A 20 -18.59 -19.87 -0.88
C LYS A 20 -18.07 -21.19 -1.47
N SER A 21 -17.69 -22.13 -0.61
CA SER A 21 -17.27 -23.47 -1.15
C SER A 21 -18.36 -24.18 -1.94
N SER A 24 -20.06 -20.89 -5.82
CA SER A 24 -21.18 -19.97 -5.60
C SER A 24 -20.65 -18.60 -5.10
N CYS A 25 -20.77 -17.55 -5.91
CA CYS A 25 -20.28 -16.21 -5.48
C CYS A 25 -21.43 -15.18 -5.50
N THR A 26 -21.31 -14.21 -4.63
CA THR A 26 -22.26 -13.11 -4.47
C THR A 26 -21.51 -11.85 -4.81
N THR A 27 -22.11 -11.03 -5.67
CA THR A 27 -21.57 -9.73 -6.06
C THR A 27 -21.95 -8.68 -5.04
N ASN A 28 -20.98 -8.08 -4.35
CA ASN A 28 -21.25 -7.09 -3.36
C ASN A 28 -21.12 -5.72 -3.99
N SER A 29 -21.91 -4.79 -3.48
CA SER A 29 -21.84 -3.40 -3.90
C SER A 29 -20.83 -2.70 -3.05
N GLY A 30 -19.82 -2.16 -3.70
CA GLY A 30 -18.81 -1.45 -2.96
C GLY A 30 -18.55 -0.12 -3.62
N ALA A 31 -17.52 0.55 -3.13
CA ALA A 31 -17.14 1.85 -3.66
C ALA A 31 -15.74 2.19 -3.13
N ILE A 32 -15.11 3.19 -3.69
CA ILE A 32 -13.73 3.57 -3.26
C ILE A 32 -13.69 5.05 -2.89
N THR A 33 -12.83 5.36 -1.94
CA THR A 33 -12.54 6.71 -1.56
C THR A 33 -11.08 7.03 -1.74
N LEU A 34 -10.81 8.29 -1.93
CA LEU A 34 -9.47 8.85 -2.09
C LEU A 34 -8.87 9.24 -0.71
N ASP A 35 -7.61 8.92 -0.53
CA ASP A 35 -6.91 9.25 0.70
C ASP A 35 -6.93 10.77 0.93
N ALA A 36 -6.92 11.17 2.19
CA ALA A 36 -7.14 12.56 2.59
C ALA A 36 -5.98 13.49 2.16
N ASN A 37 -4.76 12.95 2.01
CA ASN A 37 -3.60 13.76 1.64
C ASN A 37 -3.71 14.40 0.29
N TRP A 38 -4.55 13.86 -0.60
CA TRP A 38 -4.73 14.41 -1.95
C TRP A 38 -5.74 15.52 -1.99
N ARG A 39 -6.51 15.68 -0.93
CA ARG A 39 -7.65 16.59 -0.91
C ARG A 39 -7.36 18.05 -0.63
N TRP A 40 -8.33 18.90 -1.00
CA TRP A 40 -8.32 20.30 -0.53
C TRP A 40 -8.64 20.32 0.97
N VAL A 41 -7.77 20.98 1.74
N VAL A 41 -7.80 21.03 1.73
CA VAL A 41 -8.03 21.25 3.14
CA VAL A 41 -8.01 21.25 3.18
C VAL A 41 -8.16 22.77 3.32
C VAL A 41 -8.13 22.77 3.40
N HIS A 42 -9.29 23.18 3.89
CA HIS A 42 -9.63 24.58 4.04
C HIS A 42 -10.33 24.81 5.37
N GLY A 43 -10.35 26.05 5.79
CA GLY A 43 -11.00 26.38 7.03
C GLY A 43 -12.46 25.98 7.05
N VAL A 44 -12.96 25.69 8.22
CA VAL A 44 -14.40 25.45 8.40
C VAL A 44 -15.20 26.69 7.92
N ASN A 45 -16.14 26.49 7.00
CA ASN A 45 -16.99 27.57 6.49
C ASN A 45 -16.21 28.74 5.80
N THR A 46 -15.04 28.44 5.26
N THR A 46 -15.03 28.45 5.26
CA THR A 46 -14.26 29.38 4.45
CA THR A 46 -14.30 29.39 4.40
C THR A 46 -13.54 28.65 3.36
C THR A 46 -13.59 28.63 3.33
N SER A 47 -13.27 29.34 2.25
CA SER A 47 -12.48 28.79 1.19
C SER A 47 -10.94 28.99 1.45
N THR A 48 -10.56 29.57 2.56
CA THR A 48 -9.12 29.75 2.85
C THR A 48 -8.44 28.39 3.08
N ASN A 49 -7.31 28.17 2.41
CA ASN A 49 -6.58 26.91 2.53
C ASN A 49 -5.93 26.81 3.93
N CYS A 50 -6.00 25.63 4.49
CA CYS A 50 -5.22 25.28 5.69
C CYS A 50 -3.85 24.81 5.33
N TYR A 51 -3.72 24.36 4.08
CA TYR A 51 -2.46 23.83 3.59
C TYR A 51 -2.36 24.23 2.12
N THR A 52 -1.23 24.80 1.71
CA THR A 52 -1.03 25.23 0.30
C THR A 52 0.41 24.98 -0.06
N GLY A 53 0.65 24.42 -1.23
CA GLY A 53 2.00 24.03 -1.60
C GLY A 53 2.51 22.93 -0.71
N ASN A 54 3.55 23.18 0.09
CA ASN A 54 4.05 22.17 1.01
C ASN A 54 4.16 22.69 2.42
N THR A 55 3.34 23.70 2.75
CA THR A 55 3.33 24.23 4.10
C THR A 55 1.94 24.49 4.58
N TRP A 56 1.80 24.47 5.88
CA TRP A 56 0.57 24.85 6.56
C TRP A 56 0.32 26.34 6.79
N ASN A 57 -0.94 26.70 6.88
CA ASN A 57 -1.40 28.02 7.16
C ASN A 57 -1.45 28.20 8.68
N SER A 58 -0.47 28.94 9.18
CA SER A 58 -0.30 29.02 10.65
C SER A 58 -1.36 29.88 11.30
N ALA A 59 -2.09 30.66 10.50
CA ALA A 59 -3.23 31.41 11.03
C ALA A 59 -4.33 30.48 11.57
N ILE A 60 -4.64 29.44 10.84
CA ILE A 60 -5.64 28.46 11.24
C ILE A 60 -5.03 27.31 12.03
N CYS A 61 -3.84 26.88 11.60
CA CYS A 61 -3.18 25.69 12.10
C CYS A 61 -1.98 26.09 12.95
N ASP A 62 -2.31 26.78 14.03
CA ASP A 62 -1.37 27.29 14.97
C ASP A 62 -0.96 26.19 15.96
N THR A 63 -1.76 25.09 16.04
CA THR A 63 -1.45 23.92 16.83
C THR A 63 -2.00 22.66 16.12
N ASP A 64 -1.51 21.49 16.47
CA ASP A 64 -1.94 20.22 15.86
C ASP A 64 -3.43 20.00 16.11
N ALA A 65 -3.88 20.32 17.35
CA ALA A 65 -5.30 20.14 17.71
C ALA A 65 -6.24 21.13 17.07
N SER A 66 -5.90 22.43 17.11
N SER A 66 -5.89 22.43 17.12
CA SER A 66 -6.80 23.46 16.57
CA SER A 66 -6.78 23.47 16.56
C SER A 66 -6.88 23.44 15.05
C SER A 66 -6.97 23.24 15.08
N CYS A 67 -5.87 22.84 14.42
CA CYS A 67 -5.90 22.58 13.02
C CYS A 67 -6.94 21.54 12.68
N ALA A 68 -6.95 20.43 13.39
CA ALA A 68 -7.90 19.41 13.11
C ALA A 68 -9.34 19.81 13.43
N GLN A 69 -9.53 20.66 14.46
CA GLN A 69 -10.84 21.19 14.79
C GLN A 69 -11.36 22.17 13.78
N ASP A 70 -10.46 22.88 13.13
CA ASP A 70 -10.78 24.09 12.36
C ASP A 70 -10.57 23.97 10.85
N CYS A 71 -10.09 22.81 10.39
CA CYS A 71 -9.82 22.56 8.97
C CYS A 71 -10.65 21.43 8.52
N ALA A 72 -11.17 21.55 7.29
CA ALA A 72 -12.07 20.60 6.73
C ALA A 72 -11.49 20.04 5.43
N LEU A 73 -11.76 18.77 5.18
CA LEU A 73 -11.44 18.12 3.90
C LEU A 73 -12.64 18.20 2.99
N ASP A 74 -12.39 18.44 1.72
CA ASP A 74 -13.57 18.54 0.81
C ASP A 74 -13.62 17.43 -0.22
N GLY A 75 -14.72 17.40 -0.98
CA GLY A 75 -15.00 16.37 -1.95
C GLY A 75 -14.06 16.39 -3.15
N ALA A 76 -13.97 15.26 -3.81
CA ALA A 76 -13.01 15.11 -4.91
C ALA A 76 -13.71 14.93 -6.25
N ASP A 77 -13.08 15.47 -7.30
CA ASP A 77 -13.46 15.13 -8.70
C ASP A 77 -12.57 13.97 -9.11
N TYR A 78 -13.03 12.75 -8.88
CA TYR A 78 -12.19 11.54 -9.02
C TYR A 78 -11.53 11.40 -10.39
N SER A 79 -12.35 11.52 -11.43
CA SER A 79 -11.84 11.44 -12.78
C SER A 79 -11.07 12.67 -13.23
N GLY A 80 -11.69 13.84 -13.02
CA GLY A 80 -11.14 15.07 -13.60
C GLY A 80 -9.82 15.56 -13.01
N THR A 81 -9.69 15.41 -11.70
CA THR A 81 -8.51 15.86 -10.97
C THR A 81 -7.50 14.76 -10.74
N TYR A 82 -7.99 13.54 -10.43
CA TYR A 82 -7.08 12.52 -9.97
C TYR A 82 -6.89 11.34 -10.95
N GLY A 83 -7.69 11.32 -12.03
CA GLY A 83 -7.59 10.26 -13.02
C GLY A 83 -8.01 8.92 -12.49
N ILE A 84 -9.01 8.90 -11.63
CA ILE A 84 -9.54 7.66 -11.04
C ILE A 84 -10.89 7.40 -11.66
N THR A 85 -11.08 6.25 -12.27
CA THR A 85 -12.35 5.81 -12.74
C THR A 85 -12.65 4.36 -12.39
N THR A 86 -13.94 4.08 -12.28
CA THR A 86 -14.40 2.69 -12.13
C THR A 86 -15.35 2.34 -13.27
N SER A 87 -15.37 1.04 -13.54
CA SER A 87 -16.26 0.48 -14.50
C SER A 87 -16.69 -0.87 -14.01
N GLY A 88 -17.83 -0.98 -13.34
CA GLY A 88 -18.29 -2.28 -12.82
C GLY A 88 -17.40 -2.82 -11.69
N ASN A 89 -16.66 -3.87 -12.00
CA ASN A 89 -15.69 -4.48 -11.05
C ASN A 89 -14.24 -4.02 -11.22
N SER A 90 -14.02 -2.99 -12.05
CA SER A 90 -12.74 -2.54 -12.51
C SER A 90 -12.43 -1.14 -11.98
N LEU A 91 -11.22 -0.95 -11.46
CA LEU A 91 -10.75 0.36 -10.99
C LEU A 91 -9.47 0.72 -11.73
N ARG A 92 -9.47 1.88 -12.35
CA ARG A 92 -8.34 2.42 -13.09
C ARG A 92 -7.79 3.65 -12.38
N LEU A 93 -6.51 3.58 -12.07
CA LEU A 93 -5.75 4.67 -11.49
C LEU A 93 -4.73 5.19 -12.52
N ASN A 94 -4.93 6.42 -12.98
CA ASN A 94 -3.98 7.07 -13.85
C ASN A 94 -2.78 7.62 -13.11
N PHE A 95 -1.67 7.74 -13.82
CA PHE A 95 -0.45 8.27 -13.21
C PHE A 95 -0.49 9.82 -13.12
N VAL A 96 -0.08 10.52 -14.18
CA VAL A 96 -0.08 11.96 -14.10
C VAL A 96 -1.40 12.53 -14.66
N THR A 97 -2.02 13.38 -13.87
CA THR A 97 -3.20 14.14 -14.25
C THR A 97 -2.96 15.57 -13.83
N GLY A 98 -2.59 16.38 -14.80
CA GLY A 98 -2.01 17.68 -14.50
C GLY A 98 -0.80 17.64 -13.64
N SER A 99 -0.88 18.26 -12.46
CA SER A 99 0.23 18.18 -11.53
C SER A 99 0.05 17.07 -10.48
N ASN A 100 -1.07 16.39 -10.56
CA ASN A 100 -1.32 15.24 -9.64
C ASN A 100 -0.59 13.98 -10.12
N VAL A 101 0.03 13.28 -9.16
CA VAL A 101 0.73 12.05 -9.44
C VAL A 101 0.20 10.86 -8.68
N GLY A 102 -0.58 10.03 -9.38
CA GLY A 102 -1.11 8.82 -8.76
C GLY A 102 -2.16 9.15 -7.72
N SER A 103 -2.39 8.16 -6.85
CA SER A 103 -3.47 8.18 -5.93
C SER A 103 -3.29 7.02 -5.01
N ARG A 104 -4.04 7.07 -3.90
CA ARG A 104 -4.16 5.98 -2.98
C ARG A 104 -5.63 5.95 -2.59
N THR A 105 -6.27 4.78 -2.71
CA THR A 105 -7.71 4.60 -2.56
C THR A 105 -7.99 3.39 -1.66
N TYR A 106 -9.19 3.40 -1.06
CA TYR A 106 -9.64 2.42 -0.07
C TYR A 106 -11.03 1.94 -0.47
N LEU A 107 -11.22 0.63 -0.39
CA LEU A 107 -12.54 0.03 -0.54
C LEU A 107 -13.46 0.29 0.65
N MET A 108 -14.69 0.77 0.35
CA MET A 108 -15.70 1.15 1.35
C MET A 108 -16.77 0.06 1.51
N ALA A 109 -17.17 -0.15 2.74
CA ALA A 109 -18.40 -0.91 3.11
C ALA A 109 -19.68 -0.05 3.02
N ASP A 110 -19.57 1.22 3.38
CA ASP A 110 -20.63 2.18 3.18
C ASP A 110 -20.00 3.57 3.10
N ASN A 111 -20.83 4.61 3.15
CA ASN A 111 -20.29 5.95 2.97
C ASN A 111 -19.35 6.40 4.07
N THR A 112 -19.43 5.77 5.26
CA THR A 112 -18.60 6.20 6.37
C THR A 112 -17.70 5.08 6.96
N HIS A 113 -17.54 3.97 6.26
CA HIS A 113 -16.73 2.88 6.76
C HIS A 113 -16.01 2.16 5.63
N TYR A 114 -14.76 1.92 5.85
CA TYR A 114 -13.93 1.04 5.02
C TYR A 114 -14.44 -0.37 5.19
N GLN A 115 -14.36 -1.12 4.10
CA GLN A 115 -14.57 -2.53 4.17
C GLN A 115 -13.45 -3.23 4.95
N ILE A 116 -13.83 -4.13 5.86
CA ILE A 116 -12.84 -4.88 6.58
C ILE A 116 -12.81 -6.30 6.03
N PHE A 117 -11.59 -6.76 5.80
CA PHE A 117 -11.32 -8.13 5.34
C PHE A 117 -10.69 -8.92 6.50
N ASP A 118 -11.20 -10.14 6.68
CA ASP A 118 -10.68 -11.11 7.67
C ASP A 118 -10.03 -12.25 6.85
N LEU A 119 -8.76 -12.14 6.63
CA LEU A 119 -8.03 -12.93 5.64
C LEU A 119 -7.51 -14.26 6.16
N LEU A 120 -7.36 -14.40 7.48
CA LEU A 120 -6.87 -15.69 7.98
C LEU A 120 -7.72 -16.87 7.49
N ASN A 121 -7.06 -17.91 6.97
CA ASN A 121 -7.76 -19.08 6.40
C ASN A 121 -8.65 -18.74 5.23
N GLN A 122 -8.31 -17.69 4.48
CA GLN A 122 -9.07 -17.37 3.30
C GLN A 122 -8.15 -17.20 2.09
N GLU A 123 -8.80 -17.18 0.96
CA GLU A 123 -8.20 -16.93 -0.33
C GLU A 123 -8.72 -15.56 -0.82
N PHE A 124 -7.81 -14.78 -1.38
CA PHE A 124 -8.12 -13.49 -1.94
C PHE A 124 -7.54 -13.41 -3.35
N THR A 125 -8.39 -13.01 -4.28
CA THR A 125 -8.10 -13.01 -5.69
C THR A 125 -8.43 -11.65 -6.31
N PHE A 126 -7.58 -11.23 -7.29
CA PHE A 126 -7.86 -10.07 -8.11
C PHE A 126 -7.23 -10.24 -9.46
N THR A 127 -7.71 -9.42 -10.39
CA THR A 127 -7.11 -9.38 -11.72
C THR A 127 -6.40 -8.02 -11.86
N VAL A 128 -5.28 -8.02 -12.57
CA VAL A 128 -4.55 -6.77 -12.79
C VAL A 128 -4.00 -6.67 -14.23
N ASP A 129 -3.91 -5.44 -14.71
CA ASP A 129 -3.23 -5.07 -16.00
C ASP A 129 -2.13 -4.07 -15.59
N VAL A 130 -0.89 -4.54 -15.70
CA VAL A 130 0.30 -3.75 -15.45
C VAL A 130 1.01 -3.34 -16.72
N SER A 131 0.36 -3.53 -17.86
CA SER A 131 1.01 -3.40 -19.13
C SER A 131 1.51 -1.99 -19.34
N HIS A 132 0.82 -0.99 -18.73
CA HIS A 132 1.21 0.41 -18.76
C HIS A 132 1.96 0.99 -17.57
N LEU A 133 2.69 0.12 -16.86
CA LEU A 133 3.50 0.45 -15.74
C LEU A 133 4.96 0.14 -16.07
N PRO A 134 5.72 1.15 -16.52
CA PRO A 134 7.17 0.99 -16.76
C PRO A 134 8.03 1.12 -15.52
N CYS A 135 9.36 1.00 -15.71
CA CYS A 135 10.32 1.10 -14.63
C CYS A 135 10.02 2.28 -13.71
N GLY A 136 10.04 2.01 -12.40
CA GLY A 136 9.99 3.09 -11.43
C GLY A 136 8.61 3.36 -10.87
N LEU A 137 7.60 2.72 -11.44
CA LEU A 137 6.22 2.85 -10.92
C LEU A 137 5.83 1.65 -10.12
N ASN A 138 4.89 1.83 -9.18
CA ASN A 138 4.38 0.72 -8.36
C ASN A 138 2.86 0.85 -8.30
N GLY A 139 2.14 -0.11 -8.90
CA GLY A 139 0.72 -0.27 -8.72
C GLY A 139 0.57 -1.32 -7.62
N ALA A 140 0.03 -0.88 -6.48
CA ALA A 140 -0.03 -1.67 -5.28
C ALA A 140 -1.45 -1.99 -4.91
N LEU A 141 -1.62 -3.23 -4.50
CA LEU A 141 -2.88 -3.67 -3.87
C LEU A 141 -2.45 -4.42 -2.61
N TYR A 142 -2.94 -3.96 -1.48
CA TYR A 142 -2.47 -4.45 -0.18
C TYR A 142 -3.44 -4.11 0.91
N PHE A 143 -3.11 -4.60 2.11
CA PHE A 143 -3.97 -4.42 3.30
C PHE A 143 -3.19 -3.79 4.44
N VAL A 144 -3.87 -2.91 5.16
CA VAL A 144 -3.38 -2.36 6.39
C VAL A 144 -4.39 -2.45 7.51
N THR A 145 -3.88 -2.46 8.72
CA THR A 145 -4.73 -2.58 9.89
C THR A 145 -5.20 -1.18 10.37
N MET A 146 -6.06 -0.59 9.52
CA MET A 146 -6.68 0.73 9.75
C MET A 146 -7.99 0.48 10.48
N ASP A 147 -8.52 1.50 11.20
CA ASP A 147 -9.86 1.43 11.79
C ASP A 147 -10.93 1.53 10.68
N ALA A 148 -11.95 0.70 10.72
CA ALA A 148 -13.04 0.76 9.74
C ALA A 148 -13.65 2.16 9.59
N ASP A 149 -13.83 2.92 10.70
CA ASP A 149 -14.44 4.25 10.63
C ASP A 149 -13.46 5.38 10.40
N GLY A 150 -12.20 5.03 10.16
CA GLY A 150 -11.15 6.03 9.87
C GLY A 150 -10.71 6.83 11.08
N GLY A 151 -11.13 6.44 12.28
CA GLY A 151 -10.75 7.10 13.54
C GLY A 151 -11.81 7.94 14.24
N VAL A 152 -12.98 8.06 13.62
CA VAL A 152 -14.01 8.97 14.11
C VAL A 152 -14.43 8.60 15.55
N SER A 153 -14.62 7.33 15.84
CA SER A 153 -15.08 7.00 17.20
C SER A 153 -14.01 7.22 18.27
N LYS A 154 -12.76 7.03 17.92
CA LYS A 154 -11.69 7.18 18.87
C LYS A 154 -11.15 8.60 19.06
N TYR A 155 -11.11 9.41 18.02
CA TYR A 155 -10.45 10.74 18.01
C TYR A 155 -11.52 11.79 17.76
N PRO A 156 -11.93 12.51 18.79
CA PRO A 156 -13.00 13.51 18.73
C PRO A 156 -12.88 14.57 17.60
N ASN A 157 -11.66 15.05 17.35
N ASN A 157 -11.70 15.11 17.29
CA ASN A 157 -11.42 16.08 16.30
CA ASN A 157 -11.66 16.12 16.19
C ASN A 157 -11.61 15.57 14.86
C ASN A 157 -11.59 15.56 14.80
N ASN A 158 -11.74 14.25 14.71
CA ASN A 158 -11.88 13.58 13.45
C ASN A 158 -13.36 13.38 13.10
N LYS A 159 -13.94 14.27 12.28
CA LYS A 159 -15.30 14.08 11.77
C LYS A 159 -15.30 13.45 10.37
N ALA A 160 -14.26 13.74 9.59
CA ALA A 160 -14.24 13.47 8.17
C ALA A 160 -14.08 11.97 7.95
N GLY A 161 -13.25 11.33 8.77
CA GLY A 161 -13.15 9.85 8.88
C GLY A 161 -13.01 9.09 7.55
N ALA A 162 -13.54 7.88 7.50
CA ALA A 162 -13.34 7.03 6.28
C ALA A 162 -13.93 7.68 5.04
N GLN A 163 -15.01 8.42 5.23
CA GLN A 163 -15.71 9.00 4.10
C GLN A 163 -14.74 9.89 3.23
N TYR A 164 -13.77 10.53 3.90
CA TYR A 164 -12.78 11.38 3.23
C TYR A 164 -11.38 10.81 3.24
N GLY A 165 -11.29 9.49 3.40
CA GLY A 165 -10.02 8.79 3.35
C GLY A 165 -9.02 9.13 4.43
N VAL A 166 -9.55 9.41 5.61
CA VAL A 166 -8.74 9.72 6.81
C VAL A 166 -8.37 8.40 7.49
N GLY A 167 -7.23 8.39 8.16
CA GLY A 167 -6.89 7.26 9.00
C GLY A 167 -5.85 6.27 8.49
N TYR A 168 -5.17 6.59 7.41
CA TYR A 168 -4.14 5.73 6.85
C TYR A 168 -3.07 5.48 7.89
N CYS A 169 -2.53 4.24 7.88
CA CYS A 169 -1.36 3.85 8.63
C CYS A 169 -0.73 2.74 7.84
N ASP A 170 0.56 2.54 8.00
CA ASP A 170 1.22 1.37 7.45
C ASP A 170 2.59 1.11 8.09
N SER A 171 3.33 0.13 7.56
CA SER A 171 4.48 -0.43 8.23
C SER A 171 5.70 0.45 8.07
N GLN A 172 5.58 1.53 7.24
CA GLN A 172 6.60 2.51 7.12
C GLN A 172 6.39 3.70 8.10
N CYS A 173 5.33 3.67 8.94
CA CYS A 173 5.07 4.69 9.96
C CYS A 173 5.10 6.11 9.31
N PRO A 174 4.28 6.32 8.27
CA PRO A 174 4.45 7.52 7.46
C PRO A 174 4.23 8.84 8.27
N ARG A 175 5.17 9.76 8.11
CA ARG A 175 5.15 11.07 8.76
C ARG A 175 4.75 12.14 7.80
N ASP A 176 4.53 11.75 6.54
CA ASP A 176 4.04 12.65 5.50
C ASP A 176 2.52 12.94 5.54
N LEU A 177 1.79 12.18 6.38
CA LEU A 177 0.33 12.34 6.50
C LEU A 177 -0.03 13.62 7.16
N LYS A 178 -1.02 14.32 6.59
N LYS A 178 -1.03 14.32 6.62
CA LYS A 178 -1.51 15.58 7.16
CA LYS A 178 -1.49 15.58 7.21
C LYS A 178 -2.28 15.43 8.46
C LYS A 178 -2.27 15.42 8.50
N PHE A 179 -3.08 14.35 8.56
CA PHE A 179 -3.88 14.03 9.73
C PHE A 179 -3.62 12.59 10.23
N ILE A 180 -3.37 12.47 11.54
CA ILE A 180 -3.15 11.26 12.25
C ILE A 180 -3.82 11.34 13.63
N ALA A 181 -4.68 10.39 13.90
CA ALA A 181 -5.30 10.23 15.22
C ALA A 181 -6.00 11.54 15.65
N GLY A 182 -6.70 12.20 14.72
CA GLY A 182 -7.47 13.37 15.06
C GLY A 182 -6.68 14.62 15.36
N GLN A 183 -5.41 14.63 14.95
CA GLN A 183 -4.53 15.79 15.08
C GLN A 183 -3.92 16.06 13.71
N ALA A 184 -3.72 17.35 13.39
CA ALA A 184 -2.97 17.68 12.21
C ALA A 184 -1.47 17.50 12.52
N ASN A 185 -0.70 17.20 11.52
CA ASN A 185 0.74 17.00 11.67
C ASN A 185 1.48 18.33 11.46
N VAL A 186 1.10 19.36 12.19
CA VAL A 186 1.66 20.70 11.95
C VAL A 186 3.03 20.91 12.63
N GLU A 187 3.16 20.49 13.87
N GLU A 187 3.14 20.46 13.87
CA GLU A 187 4.35 20.79 14.62
CA GLU A 187 4.35 20.61 14.66
C GLU A 187 5.53 20.07 13.96
C GLU A 187 5.54 20.02 13.91
N GLY A 188 6.58 20.83 13.70
CA GLY A 188 7.77 20.31 13.11
C GLY A 188 7.69 20.08 11.65
N TRP A 189 6.59 20.48 11.01
CA TRP A 189 6.45 20.21 9.56
C TRP A 189 7.63 20.76 8.74
N THR A 190 8.27 19.85 7.97
CA THR A 190 9.38 20.16 7.11
C THR A 190 9.02 19.85 5.66
N PRO A 191 8.87 20.86 4.84
CA PRO A 191 8.62 20.62 3.42
C PRO A 191 9.69 19.77 2.80
N SER A 192 9.30 18.92 1.85
N SER A 192 9.31 18.88 1.88
CA SER A 192 10.27 18.21 1.03
CA SER A 192 10.32 18.19 1.10
C SER A 192 10.87 19.23 0.07
C SER A 192 10.88 19.22 0.11
N ALA A 193 12.19 19.23 -0.05
CA ALA A 193 12.84 20.10 -1.05
C ALA A 193 12.55 19.63 -2.50
N ASN A 194 12.17 18.37 -2.71
CA ASN A 194 11.93 17.89 -4.08
C ASN A 194 10.52 17.61 -4.52
N ASN A 195 9.59 17.46 -3.60
CA ASN A 195 8.18 17.25 -4.00
C ASN A 195 7.37 18.46 -3.52
N ALA A 196 6.81 19.19 -4.48
CA ALA A 196 6.22 20.50 -4.21
C ALA A 196 4.94 20.41 -3.33
N ASN A 197 4.36 19.22 -3.18
CA ASN A 197 3.10 19.06 -2.41
C ASN A 197 3.32 18.52 -0.99
N THR A 198 4.54 18.08 -0.70
CA THR A 198 4.75 17.15 0.41
C THR A 198 5.69 17.69 1.45
N GLY A 199 5.64 17.07 2.62
CA GLY A 199 6.47 17.40 3.77
C GLY A 199 6.46 16.25 4.75
N ILE A 200 7.12 16.44 5.89
CA ILE A 200 7.25 15.43 6.95
C ILE A 200 7.00 16.09 8.30
N GLY A 201 6.10 15.52 9.11
CA GLY A 201 5.77 16.13 10.41
C GLY A 201 6.39 15.32 11.54
N ASN A 202 6.13 15.74 12.76
CA ASN A 202 6.73 15.07 13.89
C ASN A 202 6.10 13.75 14.22
N HIS A 203 4.90 13.45 13.72
CA HIS A 203 4.24 12.21 14.00
C HIS A 203 4.06 11.35 12.77
N GLY A 204 4.15 10.04 13.01
CA GLY A 204 3.91 8.99 11.99
C GLY A 204 2.84 8.01 12.42
N ALA A 205 2.27 7.31 11.44
CA ALA A 205 1.12 6.44 11.71
C ALA A 205 1.50 5.00 11.38
N CYS A 206 1.84 4.23 12.41
CA CYS A 206 2.29 2.84 12.27
C CYS A 206 1.17 1.87 12.40
N CYS A 207 1.15 0.82 11.56
CA CYS A 207 0.29 -0.35 11.80
C CYS A 207 0.70 -1.44 10.81
N ALA A 208 0.18 -2.64 11.06
CA ALA A 208 0.56 -3.77 10.25
C ALA A 208 0.13 -3.64 8.80
N GLU A 209 0.94 -4.23 7.94
CA GLU A 209 0.76 -4.08 6.52
C GLU A 209 1.05 -5.42 5.80
N LEU A 210 0.14 -5.78 4.91
CA LEU A 210 0.33 -7.03 4.16
C LEU A 210 0.33 -6.70 2.67
N ASP A 211 1.52 -6.58 2.09
CA ASP A 211 1.66 -6.14 0.73
C ASP A 211 1.51 -7.32 -0.18
N ILE A 212 0.28 -7.66 -0.51
CA ILE A 212 0.14 -8.85 -1.32
C ILE A 212 0.59 -8.57 -2.78
N TRP A 213 0.55 -7.33 -3.18
CA TRP A 213 0.88 -6.99 -4.60
C TRP A 213 1.54 -5.61 -4.73
N GLU A 214 2.84 -5.60 -5.02
CA GLU A 214 3.58 -4.38 -5.41
C GLU A 214 4.27 -4.73 -6.70
N ALA A 215 3.97 -4.00 -7.75
CA ALA A 215 4.41 -4.47 -9.07
C ALA A 215 4.31 -3.42 -10.13
N ASN A 216 5.05 -3.70 -11.15
CA ASN A 216 4.86 -3.00 -12.42
C ASN A 216 5.05 -4.03 -13.56
N SER A 217 5.27 -3.55 -14.79
CA SER A 217 5.42 -4.53 -15.90
C SER A 217 6.72 -5.36 -15.86
N ILE A 218 7.63 -4.98 -14.96
N ILE A 218 7.64 -4.98 -14.97
CA ILE A 218 8.96 -5.57 -14.85
CA ILE A 218 8.96 -5.58 -14.86
C ILE A 218 9.05 -6.57 -13.74
C ILE A 218 9.09 -6.58 -13.72
N SER A 219 8.65 -6.18 -12.52
CA SER A 219 8.79 -7.04 -11.35
C SER A 219 7.58 -6.92 -10.38
N GLU A 220 7.42 -7.92 -9.53
CA GLU A 220 6.37 -7.97 -8.58
C GLU A 220 6.96 -8.55 -7.27
N ALA A 221 6.41 -8.12 -6.15
CA ALA A 221 6.74 -8.67 -4.86
C ALA A 221 5.53 -8.85 -3.92
N LEU A 222 5.64 -9.84 -3.03
CA LEU A 222 4.66 -10.17 -2.01
C LEU A 222 5.38 -10.09 -0.67
N THR A 223 4.91 -9.23 0.26
CA THR A 223 5.70 -8.88 1.43
C THR A 223 4.79 -8.59 2.70
N PRO A 224 4.76 -9.52 3.65
CA PRO A 224 4.21 -9.14 4.96
C PRO A 224 5.16 -8.27 5.79
N HIS A 225 4.59 -7.28 6.47
CA HIS A 225 5.31 -6.41 7.36
C HIS A 225 4.59 -6.30 8.72
N PRO A 226 5.15 -6.97 9.74
CA PRO A 226 4.54 -6.93 11.08
C PRO A 226 5.00 -5.72 11.89
N CYS A 227 4.23 -5.44 12.94
CA CYS A 227 4.57 -4.39 13.88
C CYS A 227 4.43 -4.91 15.26
N ASP A 228 5.00 -4.14 16.21
CA ASP A 228 4.91 -4.52 17.64
C ASP A 228 3.49 -4.59 18.15
N THR A 229 2.65 -3.71 17.65
CA THR A 229 1.23 -3.79 17.96
C THR A 229 0.52 -3.72 16.59
N PRO A 230 -0.66 -4.34 16.46
CA PRO A 230 -1.23 -4.48 15.09
C PRO A 230 -1.85 -3.24 14.45
N GLY A 231 -2.56 -2.47 15.28
CA GLY A 231 -3.30 -1.31 14.87
C GLY A 231 -2.44 -0.06 15.04
N LEU A 232 -3.07 1.08 14.83
CA LEU A 232 -2.39 2.36 14.91
C LEU A 232 -1.58 2.57 16.19
N SER A 233 -0.34 2.86 15.97
CA SER A 233 0.52 3.37 16.98
C SER A 233 1.13 4.65 16.42
N VAL A 234 0.97 5.76 17.16
CA VAL A 234 1.52 7.00 16.74
C VAL A 234 2.93 7.15 17.24
N CYS A 235 3.86 7.30 16.32
CA CYS A 235 5.28 7.39 16.65
C CYS A 235 5.71 8.85 16.55
N THR A 236 6.84 9.17 17.17
CA THR A 236 7.40 10.51 17.10
C THR A 236 8.80 10.59 16.48
N THR A 237 8.93 11.55 15.58
CA THR A 237 10.14 11.92 14.83
C THR A 237 10.93 10.71 14.45
N ASP A 238 12.24 10.68 14.70
CA ASP A 238 13.04 9.56 14.21
C ASP A 238 12.85 8.20 14.88
N ALA A 239 12.20 8.11 16.02
CA ALA A 239 11.81 6.81 16.54
C ALA A 239 10.77 6.11 15.66
N CYS A 240 10.25 6.81 14.66
CA CYS A 240 9.26 6.22 13.76
C CYS A 240 9.87 5.09 12.93
N GLY A 241 11.13 5.24 12.53
CA GLY A 241 11.72 4.31 11.61
C GLY A 241 10.99 4.48 10.27
N GLY A 242 11.08 3.46 9.42
CA GLY A 242 10.47 3.50 8.10
C GLY A 242 11.24 4.34 7.08
N THR A 243 10.72 4.39 5.86
CA THR A 243 11.33 5.28 4.82
C THR A 243 11.28 6.89 5.14
N TYR A 244 10.55 7.44 6.13
CA TYR A 244 10.61 8.94 6.33
C TYR A 244 11.57 9.39 7.43
N SER A 245 12.38 8.46 7.91
CA SER A 245 13.26 8.70 9.08
C SER A 245 14.72 8.40 8.74
N SER A 246 15.59 8.87 9.62
CA SER A 246 17.06 8.77 9.42
C SER A 246 17.52 7.32 9.39
N ASP A 247 16.94 6.54 10.31
CA ASP A 247 17.23 5.13 10.47
C ASP A 247 15.97 4.32 10.34
N ARG A 248 15.83 3.63 9.21
CA ARG A 248 14.63 2.87 8.97
C ARG A 248 14.30 1.81 10.03
N TYR A 249 15.28 1.38 10.80
CA TYR A 249 15.09 0.30 11.77
C TYR A 249 14.88 0.80 13.19
N ALA A 250 14.70 2.11 13.35
CA ALA A 250 14.61 2.69 14.68
C ALA A 250 13.21 2.51 15.34
N GLY A 251 12.22 2.05 14.59
CA GLY A 251 10.83 2.04 15.09
C GLY A 251 10.20 0.71 15.40
N THR A 252 8.88 0.69 15.40
CA THR A 252 8.09 -0.42 15.97
C THR A 252 7.47 -1.32 14.88
N CYS A 253 7.72 -0.95 13.63
CA CYS A 253 7.30 -1.76 12.49
C CYS A 253 8.47 -2.22 11.65
N ASP A 254 8.29 -3.37 11.03
CA ASP A 254 9.32 -3.91 10.09
C ASP A 254 9.22 -3.21 8.74
N PRO A 255 10.23 -2.40 8.40
CA PRO A 255 10.17 -1.71 7.11
C PRO A 255 10.55 -2.53 5.93
N ASP A 256 11.22 -3.66 6.15
CA ASP A 256 11.73 -4.43 5.02
C ASP A 256 10.73 -5.51 4.65
N GLY A 257 10.23 -6.22 5.67
CA GLY A 257 9.34 -7.34 5.46
C GLY A 257 10.01 -8.66 5.13
N CYS A 258 9.21 -9.70 4.95
CA CYS A 258 9.71 -11.00 4.47
C CYS A 258 9.11 -11.14 3.08
N ASP A 259 9.90 -10.66 2.11
CA ASP A 259 9.42 -10.52 0.75
C ASP A 259 9.70 -11.73 -0.15
N PHE A 260 8.81 -11.94 -1.14
CA PHE A 260 8.99 -12.95 -2.18
C PHE A 260 8.77 -12.25 -3.55
N ASN A 261 9.87 -12.02 -4.28
CA ASN A 261 9.92 -11.50 -5.64
C ASN A 261 10.62 -12.58 -6.44
N PRO A 262 9.91 -13.22 -7.41
N PRO A 262 9.90 -13.27 -7.35
CA PRO A 262 10.49 -14.36 -8.14
CA PRO A 262 10.54 -14.38 -8.06
C PRO A 262 11.85 -14.05 -8.76
C PRO A 262 11.89 -14.01 -8.69
N TYR A 263 11.98 -12.85 -9.34
CA TYR A 263 13.24 -12.42 -9.98
C TYR A 263 14.41 -12.33 -8.95
N ARG A 264 14.13 -11.72 -7.81
CA ARG A 264 15.07 -11.66 -6.72
C ARG A 264 15.58 -13.02 -6.28
N LEU A 265 14.70 -14.03 -6.34
CA LEU A 265 15.03 -15.39 -5.99
C LEU A 265 15.56 -16.22 -7.17
N GLY A 266 16.05 -15.53 -8.18
CA GLY A 266 16.76 -16.19 -9.29
C GLY A 266 15.95 -16.61 -10.48
N VAL A 267 14.65 -16.31 -10.48
CA VAL A 267 13.73 -16.84 -11.50
C VAL A 267 13.44 -15.70 -12.45
N THR A 268 14.34 -15.51 -13.38
CA THR A 268 14.34 -14.29 -14.16
C THR A 268 13.47 -14.37 -15.41
N ASP A 269 12.97 -15.57 -15.72
CA ASP A 269 12.14 -15.72 -16.91
C ASP A 269 10.63 -15.85 -16.60
N PHE A 270 10.26 -15.60 -15.36
CA PHE A 270 8.91 -15.87 -14.91
C PHE A 270 7.90 -14.77 -15.16
N TYR A 271 8.27 -13.53 -14.89
CA TYR A 271 7.33 -12.41 -14.84
C TYR A 271 7.91 -11.26 -15.64
N GLY A 272 7.17 -10.78 -16.63
CA GLY A 272 7.69 -9.69 -17.41
C GLY A 272 7.13 -9.77 -18.80
N SER A 273 7.55 -8.86 -19.65
CA SER A 273 7.09 -8.88 -21.03
C SER A 273 7.38 -10.21 -21.74
N GLY A 274 6.30 -10.87 -22.19
CA GLY A 274 6.36 -12.14 -22.85
C GLY A 274 6.87 -13.32 -22.02
N LYS A 275 6.89 -13.19 -20.68
CA LYS A 275 7.37 -14.27 -19.87
C LYS A 275 6.22 -15.22 -19.47
N THR A 276 6.49 -16.09 -18.51
CA THR A 276 5.55 -17.14 -18.14
C THR A 276 4.24 -16.51 -17.73
N VAL A 277 4.37 -15.48 -16.89
CA VAL A 277 3.29 -14.52 -16.67
C VAL A 277 3.64 -13.31 -17.53
N ASP A 278 2.80 -13.05 -18.54
CA ASP A 278 3.17 -12.12 -19.61
C ASP A 278 2.54 -10.79 -19.24
N THR A 279 3.36 -9.82 -18.90
CA THR A 279 2.80 -8.60 -18.30
C THR A 279 2.25 -7.66 -19.39
N THR A 280 2.34 -8.07 -20.66
CA THR A 280 1.69 -7.24 -21.70
C THR A 280 0.18 -7.44 -21.68
N LYS A 281 -0.29 -8.42 -20.95
CA LYS A 281 -1.70 -8.78 -20.90
C LYS A 281 -2.21 -8.89 -19.45
N PRO A 282 -3.50 -8.70 -19.22
CA PRO A 282 -3.98 -8.90 -17.84
C PRO A 282 -3.81 -10.34 -17.31
N PHE A 283 -3.76 -10.47 -15.99
CA PHE A 283 -3.71 -11.75 -15.37
C PHE A 283 -4.27 -11.69 -13.96
N THR A 284 -4.58 -12.86 -13.45
CA THR A 284 -5.22 -13.04 -12.15
C THR A 284 -4.19 -13.54 -11.12
N VAL A 285 -4.30 -13.00 -9.93
CA VAL A 285 -3.38 -13.28 -8.84
C VAL A 285 -4.18 -13.84 -7.67
N VAL A 286 -3.86 -15.05 -7.23
CA VAL A 286 -4.59 -15.70 -6.13
C VAL A 286 -3.68 -15.86 -4.98
N THR A 287 -4.15 -15.52 -3.78
CA THR A 287 -3.24 -15.58 -2.61
C THR A 287 -3.98 -16.23 -1.46
N GLN A 288 -3.35 -17.19 -0.79
CA GLN A 288 -3.95 -17.92 0.32
C GLN A 288 -3.21 -17.74 1.63
N PHE A 289 -3.95 -17.56 2.71
CA PHE A 289 -3.41 -17.33 4.04
C PHE A 289 -3.69 -18.52 4.92
N VAL A 290 -2.72 -19.41 4.99
CA VAL A 290 -2.86 -20.69 5.65
C VAL A 290 -2.52 -20.50 7.12
N THR A 291 -3.37 -21.04 8.01
CA THR A 291 -3.14 -20.97 9.44
C THR A 291 -2.69 -22.32 10.01
N ASN A 292 -2.10 -22.29 11.20
CA ASN A 292 -1.43 -23.44 11.79
C ASN A 292 -2.43 -24.57 12.04
N ASP A 293 -3.66 -24.20 12.38
CA ASP A 293 -4.69 -25.21 12.70
C ASP A 293 -5.80 -25.26 11.70
N GLY A 294 -5.67 -24.57 10.58
CA GLY A 294 -6.71 -24.66 9.59
C GLY A 294 -7.99 -23.98 9.94
N THR A 295 -7.98 -23.12 10.95
CA THR A 295 -9.12 -22.28 11.28
C THR A 295 -8.87 -20.79 11.08
N SER A 296 -9.99 -20.06 11.02
CA SER A 296 -9.99 -18.57 10.97
C SER A 296 -9.36 -17.93 12.22
N THR A 297 -9.22 -18.69 13.31
CA THR A 297 -8.57 -18.13 14.51
C THR A 297 -7.19 -18.65 14.84
N GLY A 298 -6.59 -19.44 13.96
CA GLY A 298 -5.23 -19.85 14.16
C GLY A 298 -4.24 -18.77 13.76
N SER A 299 -2.95 -19.05 13.93
CA SER A 299 -1.95 -18.08 13.57
C SER A 299 -1.52 -18.35 12.12
N LEU A 300 -0.92 -17.37 11.49
CA LEU A 300 -0.51 -17.46 10.10
C LEU A 300 0.76 -18.30 9.99
N SER A 301 0.63 -19.41 9.27
N SER A 301 0.62 -19.40 9.27
CA SER A 301 1.68 -20.39 9.04
CA SER A 301 1.66 -20.35 9.00
C SER A 301 2.32 -20.33 7.64
C SER A 301 2.36 -20.11 7.67
N GLU A 302 1.56 -19.88 6.63
CA GLU A 302 2.08 -19.86 5.25
C GLU A 302 1.22 -19.01 4.34
N ILE A 303 1.88 -18.27 3.46
CA ILE A 303 1.21 -17.53 2.43
C ILE A 303 1.57 -18.33 1.14
N ARG A 304 0.52 -18.66 0.40
CA ARG A 304 0.63 -19.32 -0.88
C ARG A 304 0.09 -18.48 -2.01
N ARG A 305 0.59 -18.76 -3.21
CA ARG A 305 0.32 -17.90 -4.34
C ARG A 305 0.27 -18.69 -5.63
N TYR A 306 -0.71 -18.39 -6.48
CA TYR A 306 -0.61 -18.75 -7.91
C TYR A 306 -1.26 -17.71 -8.82
N TYR A 307 -1.13 -17.94 -10.12
CA TYR A 307 -1.53 -16.96 -11.11
C TYR A 307 -2.43 -17.68 -12.12
N VAL A 308 -3.32 -16.92 -12.77
CA VAL A 308 -4.07 -17.48 -13.89
C VAL A 308 -3.97 -16.51 -15.06
N GLN A 309 -3.64 -16.99 -16.27
CA GLN A 309 -3.59 -16.10 -17.42
C GLN A 309 -4.11 -16.86 -18.63
N ASN A 310 -5.05 -16.28 -19.35
N ASN A 310 -5.04 -16.25 -19.35
CA ASN A 310 -5.65 -16.97 -20.50
CA ASN A 310 -5.68 -16.93 -20.48
C ASN A 310 -6.25 -18.29 -20.03
C ASN A 310 -6.24 -18.27 -20.03
N GLY A 311 -6.77 -18.29 -18.82
CA GLY A 311 -7.37 -19.49 -18.24
C GLY A 311 -6.44 -20.60 -17.77
N VAL A 312 -5.11 -20.38 -17.86
CA VAL A 312 -4.13 -21.36 -17.51
C VAL A 312 -3.59 -21.02 -16.13
N VAL A 313 -3.65 -21.99 -15.22
CA VAL A 313 -3.06 -21.89 -13.89
C VAL A 313 -1.55 -21.99 -14.01
N ILE A 314 -0.89 -21.05 -13.40
CA ILE A 314 0.56 -20.89 -13.40
C ILE A 314 1.09 -20.86 -11.91
N PRO A 315 1.86 -21.85 -11.49
CA PRO A 315 2.32 -21.80 -10.12
C PRO A 315 3.34 -20.68 -9.83
N GLN A 316 3.42 -20.33 -8.55
CA GLN A 316 4.50 -19.49 -8.04
C GLN A 316 5.77 -20.34 -8.19
N PRO A 317 6.81 -19.77 -8.79
CA PRO A 317 8.00 -20.57 -8.96
C PRO A 317 8.81 -20.67 -7.69
N SER A 318 9.63 -21.71 -7.61
CA SER A 318 10.40 -21.94 -6.40
C SER A 318 11.73 -21.19 -6.50
N SER A 319 12.27 -20.85 -5.37
CA SER A 319 13.54 -20.13 -5.28
C SER A 319 14.69 -20.94 -5.94
N LYS A 320 15.52 -20.23 -6.67
N LYS A 320 15.52 -20.22 -6.68
CA LYS A 320 16.75 -20.77 -7.23
CA LYS A 320 16.74 -20.76 -7.26
C LYS A 320 18.01 -20.26 -6.49
C LYS A 320 17.99 -20.38 -6.44
N ILE A 321 17.83 -19.62 -5.35
CA ILE A 321 18.96 -19.16 -4.54
C ILE A 321 19.35 -20.28 -3.60
N SER A 322 20.61 -20.70 -3.66
CA SER A 322 21.14 -21.61 -2.65
C SER A 322 20.93 -21.07 -1.22
N GLY A 323 20.27 -21.85 -0.39
CA GLY A 323 20.01 -21.41 0.99
C GLY A 323 18.56 -21.05 1.21
N ILE A 324 17.82 -20.81 0.10
CA ILE A 324 16.38 -20.43 0.20
C ILE A 324 15.61 -21.36 -0.71
N SER A 325 14.64 -22.10 -0.13
CA SER A 325 13.82 -23.08 -0.84
C SER A 325 12.31 -22.76 -0.95
N GLY A 326 11.70 -23.31 -1.99
CA GLY A 326 10.31 -23.32 -2.11
C GLY A 326 9.64 -22.14 -2.75
N ASN A 327 8.32 -22.22 -2.79
CA ASN A 327 7.47 -21.19 -3.43
C ASN A 327 6.40 -20.58 -2.52
N VAL A 328 6.61 -20.66 -1.19
CA VAL A 328 5.68 -20.12 -0.22
C VAL A 328 6.44 -19.22 0.75
N ILE A 329 5.69 -18.41 1.47
CA ILE A 329 6.26 -17.68 2.57
C ILE A 329 5.83 -18.39 3.87
N ASN A 330 6.80 -18.83 4.66
CA ASN A 330 6.51 -19.51 5.91
C ASN A 330 7.67 -19.26 6.82
N SER A 331 7.65 -19.79 8.03
N SER A 331 7.63 -19.81 8.02
CA SER A 331 8.76 -19.48 8.97
CA SER A 331 8.71 -19.57 9.01
C SER A 331 10.13 -19.94 8.43
C SER A 331 10.10 -19.94 8.45
N ASP A 332 10.20 -21.08 7.78
CA ASP A 332 11.45 -21.57 7.21
C ASP A 332 11.95 -20.66 6.14
N TYR A 333 11.07 -20.28 5.23
CA TYR A 333 11.45 -19.26 4.21
C TYR A 333 11.98 -17.93 4.81
N CYS A 334 11.25 -17.33 5.75
CA CYS A 334 11.69 -16.05 6.37
C CYS A 334 13.05 -16.15 7.09
N ALA A 335 13.26 -17.26 7.82
CA ALA A 335 14.58 -17.51 8.48
C ALA A 335 15.69 -17.67 7.45
N ALA A 336 15.39 -18.43 6.40
CA ALA A 336 16.33 -18.64 5.32
C ALA A 336 16.68 -17.35 4.52
N GLU A 337 15.67 -16.51 4.25
CA GLU A 337 15.93 -15.26 3.56
C GLU A 337 16.93 -14.36 4.32
N ILE A 338 16.67 -14.16 5.59
CA ILE A 338 17.55 -13.26 6.35
C ILE A 338 18.93 -13.92 6.57
N SER A 339 18.94 -15.25 6.73
N SER A 339 18.97 -15.24 6.74
CA SER A 339 20.15 -16.01 6.88
CA SER A 339 20.25 -15.91 6.86
C SER A 339 21.03 -15.92 5.62
C SER A 339 21.06 -15.74 5.59
N THR A 340 20.42 -15.89 4.42
CA THR A 340 21.16 -15.90 3.15
C THR A 340 21.41 -14.50 2.60
N PHE A 341 20.40 -13.63 2.60
CA PHE A 341 20.60 -12.28 2.05
C PHE A 341 21.24 -11.37 3.08
N GLY A 342 21.21 -11.71 4.35
CA GLY A 342 21.77 -10.86 5.41
C GLY A 342 21.02 -9.56 5.73
N GLY A 343 21.45 -8.85 6.76
CA GLY A 343 20.91 -7.51 7.07
C GLY A 343 20.25 -7.55 8.44
N THR A 344 19.46 -6.51 8.75
CA THR A 344 18.82 -6.43 10.04
C THR A 344 17.62 -7.33 10.08
N ALA A 345 17.57 -8.09 11.16
CA ALA A 345 16.48 -8.98 11.38
C ALA A 345 15.18 -8.30 11.85
N SER A 346 14.70 -7.30 11.11
CA SER A 346 13.52 -6.53 11.49
C SER A 346 12.22 -7.34 11.44
N PHE A 347 12.11 -8.32 10.53
CA PHE A 347 10.95 -9.16 10.47
C PHE A 347 10.79 -9.93 11.84
N SER A 348 11.85 -10.59 12.27
N SER A 348 11.85 -10.55 12.32
CA SER A 348 11.85 -11.34 13.51
CA SER A 348 11.82 -11.34 13.58
C SER A 348 11.62 -10.41 14.68
C SER A 348 11.62 -10.41 14.71
N LYS A 349 12.30 -9.26 14.68
CA LYS A 349 12.28 -8.34 15.81
C LYS A 349 10.87 -7.81 16.02
N HIS A 350 10.08 -7.72 14.93
CA HIS A 350 8.69 -7.26 15.08
C HIS A 350 7.64 -8.36 15.07
N GLY A 351 8.08 -9.59 15.36
CA GLY A 351 7.18 -10.72 15.64
C GLY A 351 6.85 -11.63 14.44
N GLY A 352 7.48 -11.36 13.32
CA GLY A 352 7.31 -12.17 12.14
C GLY A 352 5.88 -12.52 11.82
N LEU A 353 5.67 -13.77 11.36
CA LEU A 353 4.32 -14.18 10.93
C LEU A 353 3.28 -14.17 12.08
N THR A 354 3.70 -14.35 13.32
CA THR A 354 2.78 -14.32 14.46
C THR A 354 2.19 -12.95 14.57
N ASN A 355 3.04 -11.90 14.43
CA ASN A 355 2.57 -10.52 14.53
C ASN A 355 1.83 -10.09 13.28
N MET A 356 2.20 -10.64 12.11
CA MET A 356 1.40 -10.47 10.89
C MET A 356 0.00 -10.99 11.10
N ALA A 357 -0.10 -12.14 11.74
CA ALA A 357 -1.42 -12.69 12.04
C ALA A 357 -2.26 -11.81 12.96
N ALA A 358 -1.61 -11.21 13.93
CA ALA A 358 -2.34 -10.29 14.79
C ALA A 358 -2.90 -9.12 14.01
N GLY A 359 -2.10 -8.54 13.09
CA GLY A 359 -2.60 -7.52 12.16
C GLY A 359 -3.87 -7.97 11.42
N MET A 360 -3.81 -9.21 10.94
CA MET A 360 -4.86 -9.79 10.13
C MET A 360 -6.07 -10.12 10.96
N GLU A 361 -5.83 -10.65 12.14
CA GLU A 361 -6.98 -11.00 12.98
C GLU A 361 -7.83 -9.75 13.41
N ALA A 362 -7.17 -8.60 13.55
CA ALA A 362 -7.81 -7.33 13.91
C ALA A 362 -8.76 -6.88 12.79
N GLY A 363 -8.55 -7.37 11.57
CA GLY A 363 -9.27 -6.95 10.39
C GLY A 363 -8.50 -5.82 9.67
N MET A 364 -8.54 -5.87 8.35
CA MET A 364 -7.68 -4.99 7.52
C MET A 364 -8.44 -4.38 6.40
N VAL A 365 -8.01 -3.20 6.01
CA VAL A 365 -8.61 -2.39 4.94
C VAL A 365 -7.85 -2.66 3.66
N LEU A 366 -8.59 -2.79 2.56
CA LEU A 366 -8.02 -2.97 1.26
C LEU A 366 -7.63 -1.63 0.65
N VAL A 367 -6.36 -1.51 0.26
CA VAL A 367 -5.79 -0.32 -0.40
C VAL A 367 -5.35 -0.62 -1.84
N MET A 368 -5.63 0.33 -2.74
CA MET A 368 -5.14 0.25 -4.08
C MET A 368 -4.53 1.60 -4.40
N SER A 369 -3.27 1.54 -4.81
CA SER A 369 -2.52 2.77 -5.07
C SER A 369 -1.62 2.68 -6.32
N LEU A 370 -1.16 3.84 -6.76
CA LEU A 370 -0.24 3.94 -7.87
C LEU A 370 0.73 5.05 -7.52
N TRP A 371 2.01 4.73 -7.39
CA TRP A 371 2.98 5.72 -6.93
C TRP A 371 4.35 5.56 -7.55
N ASP A 372 5.09 6.68 -7.45
CA ASP A 372 6.54 6.72 -7.66
C ASP A 372 7.26 7.12 -6.38
N ASP A 373 8.59 6.99 -6.37
CA ASP A 373 9.33 6.91 -5.09
C ASP A 373 10.51 7.91 -5.10
N TYR A 374 10.36 9.07 -4.45
CA TYR A 374 11.48 10.01 -4.27
C TYR A 374 12.66 9.44 -3.42
N ALA A 375 12.39 8.49 -2.53
CA ALA A 375 13.41 8.01 -1.62
C ALA A 375 14.37 7.03 -2.26
N VAL A 376 13.82 6.01 -2.97
CA VAL A 376 14.62 4.91 -3.55
C VAL A 376 14.41 4.65 -5.06
N ASN A 377 13.57 5.44 -5.72
CA ASN A 377 13.28 5.34 -7.15
C ASN A 377 12.75 3.95 -7.52
N MET A 378 12.18 3.28 -6.51
CA MET A 378 11.62 1.94 -6.70
C MET A 378 12.68 0.89 -7.13
N LEU A 379 13.94 1.20 -6.88
CA LEU A 379 14.97 0.29 -7.28
C LEU A 379 14.96 -1.07 -6.56
N TRP A 380 14.48 -1.04 -5.31
CA TRP A 380 14.31 -2.20 -4.52
C TRP A 380 13.35 -3.19 -5.12
N LEU A 381 12.41 -2.70 -5.93
CA LEU A 381 11.43 -3.56 -6.60
C LEU A 381 11.92 -4.13 -7.96
N ASP A 382 12.45 -3.25 -8.82
CA ASP A 382 12.68 -3.65 -10.24
C ASP A 382 14.11 -3.49 -10.80
N SER A 383 15.09 -3.19 -9.95
CA SER A 383 16.45 -2.98 -10.39
C SER A 383 17.42 -3.78 -9.50
N THR A 384 18.67 -3.34 -9.51
CA THR A 384 19.69 -3.84 -8.62
C THR A 384 19.88 -2.87 -7.50
N TYR A 385 19.83 -3.42 -6.27
CA TYR A 385 19.67 -2.63 -5.06
C TYR A 385 20.25 -3.36 -3.87
N PRO A 386 21.04 -2.69 -3.05
CA PRO A 386 21.69 -1.40 -3.35
C PRO A 386 22.46 -1.43 -4.63
N THR A 387 22.65 -0.24 -5.20
CA THR A 387 23.19 -0.10 -6.52
C THR A 387 24.66 -0.49 -6.61
N ASN A 388 25.35 -0.52 -5.46
CA ASN A 388 26.72 -1.09 -5.35
C ASN A 388 26.84 -2.54 -4.89
N ALA A 389 25.75 -3.30 -4.98
CA ALA A 389 25.77 -4.66 -4.51
C ALA A 389 25.72 -5.64 -5.67
N THR A 390 25.88 -5.14 -6.91
CA THR A 390 25.88 -6.01 -8.10
C THR A 390 26.76 -7.23 -7.89
N GLY A 391 26.17 -8.37 -8.22
CA GLY A 391 26.78 -9.66 -8.11
C GLY A 391 26.36 -10.39 -6.88
N THR A 392 25.83 -9.68 -5.86
CA THR A 392 25.53 -10.38 -4.65
C THR A 392 24.14 -11.01 -4.69
N PRO A 393 23.94 -12.10 -3.94
CA PRO A 393 22.65 -12.74 -4.01
C PRO A 393 21.53 -11.80 -3.51
N GLY A 394 20.49 -11.73 -4.30
CA GLY A 394 19.31 -10.96 -3.97
C GLY A 394 19.43 -9.48 -4.34
N ALA A 395 20.60 -9.05 -4.85
CA ALA A 395 20.75 -7.67 -5.23
C ALA A 395 19.86 -7.29 -6.43
N ALA A 396 19.82 -8.17 -7.40
CA ALA A 396 19.03 -7.97 -8.61
C ALA A 396 17.57 -8.37 -8.37
N ARG A 397 16.67 -7.40 -8.52
CA ARG A 397 15.24 -7.61 -8.33
C ARG A 397 14.41 -7.47 -9.63
N GLY A 398 15.03 -6.91 -10.66
CA GLY A 398 14.42 -6.84 -11.99
C GLY A 398 15.41 -6.27 -12.97
N THR A 399 14.92 -6.01 -14.18
CA THR A 399 15.83 -5.68 -15.27
C THR A 399 16.06 -4.19 -15.45
N CYS A 400 15.42 -3.35 -14.63
CA CYS A 400 15.50 -1.91 -14.85
C CYS A 400 16.90 -1.41 -14.50
N ALA A 401 17.33 -0.38 -15.22
CA ALA A 401 18.63 0.24 -14.95
C ALA A 401 18.63 0.91 -13.60
N THR A 402 19.80 0.94 -12.99
CA THR A 402 19.91 1.64 -11.67
C THR A 402 19.71 3.17 -11.75
N THR A 403 19.72 3.75 -12.96
CA THR A 403 19.33 5.15 -13.21
C THR A 403 17.81 5.37 -13.42
N SER A 404 17.02 4.31 -13.37
CA SER A 404 15.61 4.39 -13.61
C SER A 404 14.82 4.94 -12.41
N GLY A 405 13.58 5.32 -12.69
CA GLY A 405 12.63 5.60 -11.60
C GLY A 405 12.73 6.92 -10.88
N ASP A 406 13.50 7.86 -11.44
CA ASP A 406 13.49 9.20 -10.93
C ASP A 406 12.10 9.85 -11.16
N PRO A 407 11.40 10.23 -10.08
CA PRO A 407 10.02 10.70 -10.25
C PRO A 407 9.80 11.76 -11.31
N LYS A 408 10.56 12.84 -11.29
CA LYS A 408 10.32 13.89 -12.29
C LYS A 408 10.60 13.36 -13.67
N THR A 409 11.54 12.42 -13.78
CA THR A 409 11.81 11.84 -15.10
C THR A 409 10.66 10.99 -15.60
N VAL A 410 10.18 10.06 -14.77
CA VAL A 410 9.15 9.12 -15.23
C VAL A 410 7.79 9.84 -15.39
N GLU A 411 7.59 10.89 -14.60
CA GLU A 411 6.36 11.69 -14.72
C GLU A 411 6.32 12.49 -16.04
N SER A 412 7.48 12.99 -16.46
CA SER A 412 7.63 13.66 -17.78
C SER A 412 7.52 12.69 -18.96
N GLN A 413 8.13 11.54 -18.84
N GLN A 413 8.15 11.55 -18.81
CA GLN A 413 8.16 10.62 -19.98
CA GLN A 413 8.30 10.61 -19.90
C GLN A 413 6.97 9.69 -20.08
C GLN A 413 7.10 9.62 -20.04
N SER A 414 6.46 9.27 -18.92
CA SER A 414 5.46 8.20 -18.86
C SER A 414 4.22 8.61 -18.08
N GLY A 415 3.81 9.87 -18.26
CA GLY A 415 2.65 10.39 -17.56
C GLY A 415 1.38 9.66 -17.80
N SER A 416 1.21 9.09 -19.00
CA SER A 416 -0.01 8.34 -19.40
C SER A 416 -0.13 6.92 -18.83
N SER A 417 0.85 6.55 -18.03
CA SER A 417 0.85 5.25 -17.35
C SER A 417 -0.42 5.11 -16.49
N TYR A 418 -0.81 3.86 -16.25
N TYR A 418 -0.83 3.87 -16.27
CA TYR A 418 -2.00 3.56 -15.48
CA TYR A 418 -1.97 3.59 -15.42
C TYR A 418 -1.92 2.13 -15.01
C TYR A 418 -1.96 2.13 -15.04
N VAL A 419 -2.73 1.81 -14.01
CA VAL A 419 -2.92 0.45 -13.55
C VAL A 419 -4.41 0.24 -13.46
N THR A 420 -4.86 -0.94 -13.85
CA THR A 420 -6.26 -1.34 -13.65
C THR A 420 -6.31 -2.62 -12.79
N PHE A 421 -7.04 -2.51 -11.70
CA PHE A 421 -7.40 -3.62 -10.79
C PHE A 421 -8.86 -4.04 -10.98
N SER A 422 -9.14 -5.34 -11.02
CA SER A 422 -10.49 -5.79 -11.26
C SER A 422 -10.81 -7.14 -10.61
N ASP A 423 -12.10 -7.42 -10.56
CA ASP A 423 -12.66 -8.64 -10.11
C ASP A 423 -12.05 -9.16 -8.80
N ILE A 424 -12.21 -8.37 -7.77
CA ILE A 424 -11.77 -8.75 -6.43
C ILE A 424 -12.71 -9.79 -5.90
N ARG A 425 -12.15 -10.88 -5.39
CA ARG A 425 -12.92 -11.98 -4.87
C ARG A 425 -12.27 -12.47 -3.56
N VAL A 426 -13.08 -12.79 -2.57
CA VAL A 426 -12.57 -13.40 -1.37
C VAL A 426 -13.52 -14.52 -0.88
N GLY A 427 -12.91 -15.53 -0.26
CA GLY A 427 -13.69 -16.63 0.31
C GLY A 427 -12.80 -17.67 0.90
N PRO A 428 -13.39 -18.85 1.16
CA PRO A 428 -12.55 -19.98 1.59
C PRO A 428 -11.66 -20.46 0.52
N PHE A 429 -10.64 -21.19 0.90
CA PHE A 429 -9.74 -21.74 -0.10
C PHE A 429 -10.50 -22.51 -1.14
N ASN A 430 -10.06 -22.34 -2.38
N ASN A 430 -10.06 -22.38 -2.39
CA ASN A 430 -10.59 -22.99 -3.58
CA ASN A 430 -10.64 -23.02 -3.57
C ASN A 430 -11.94 -22.44 -4.04
C ASN A 430 -12.01 -22.50 -3.96
N SER A 431 -12.42 -21.36 -3.42
CA SER A 431 -13.78 -20.88 -3.72
C SER A 431 -13.81 -19.76 -4.74
N THR A 432 -12.70 -19.09 -5.02
CA THR A 432 -12.73 -17.86 -5.83
C THR A 432 -12.52 -18.25 -7.29
#